data_6EH3
#
_entry.id   6EH3
#
_cell.length_a   58.684
_cell.length_b   73.526
_cell.length_c   108.415
_cell.angle_alpha   90.00
_cell.angle_beta   90.00
_cell.angle_gamma   90.00
#
_symmetry.space_group_name_H-M   'P 21 21 21'
#
loop_
_entity.id
_entity.type
_entity.pdbx_description
1 polymer 'cAMP-dependent protein kinase catalytic subunit alpha'
2 polymer 'cAMP-dependent protein kinase inhibitor'
3 non-polymer ~{N}-[2-[(phenylmethyl)amino]ethyl]isoquinoline-5-sulfonamide
4 water water
#
loop_
_entity_poly.entity_id
_entity_poly.type
_entity_poly.pdbx_seq_one_letter_code
_entity_poly.pdbx_strand_id
1 'polypeptide(L)'
;GHMGNAAAAKKG(SEP)EQESVKEFLAKAKEEFLKKWESPSQNTAQLDHFDRIKTLGTGSFGRVMLVKHKETGNHYAMKI
LDKQKVVKLKQIEHTLNEKRILQAVNFPFLVKLEFSFKDNSNLYMVMEYVPGGEMFSHLRRIGRF(SEP)EPHARFYAAQ
IVLTFEYLHSLDLIYRDLKPENLLIDQQGYIQVTDFGFAKRVKGRTW(TPO)LCGTPEYLAPEIILSKGYNKAVDWWALG
VLIYEMAAGYPPFFADQPIQIYEKIVSGKVRFPSHFSSDLKDLLRNLLQVDLTKRFGNLKNGVNDIKNHKWFATTDWIAI
YQRKVEAPFIPKFKGPGDTSNFDDYEEEEIRV(SEP)INEKCGKEFTEF
;
A
2 'polypeptide(L)' TTYADFIASGRTGRRSAI C
#
loop_
_chem_comp.id
_chem_comp.type
_chem_comp.name
_chem_comp.formula
B4Z non-polymer ~{N}-[2-[(phenylmethyl)amino]ethyl]isoquinoline-5-sulfonamide 'C18 H19 N3 O2 S'
#
# COMPACT_ATOMS: atom_id res chain seq x y z
N GLY A 1 21.17 25.99 -17.52
CA GLY A 1 20.56 24.67 -17.23
C GLY A 1 19.06 24.74 -17.03
N HIS A 2 18.49 23.70 -16.44
CA HIS A 2 17.05 23.72 -16.26
C HIS A 2 16.62 24.60 -15.11
N MET A 3 17.45 24.80 -14.10
CA MET A 3 17.09 25.63 -12.96
C MET A 3 18.03 26.82 -12.85
N GLY A 4 17.44 27.99 -12.59
CA GLY A 4 18.19 29.14 -12.14
C GLY A 4 18.72 28.93 -10.73
N ASN A 5 19.48 29.92 -10.27
CA ASN A 5 20.19 29.80 -8.98
C ASN A 5 19.20 29.60 -7.83
N ALA A 6 18.18 30.45 -7.75
CA ALA A 6 17.22 30.38 -6.65
C ALA A 6 16.52 29.03 -6.59
N ALA A 7 15.99 28.56 -7.71
CA ALA A 7 15.29 27.28 -7.68
C ALA A 7 16.24 26.13 -7.34
N ALA A 8 17.47 26.19 -7.87
CA ALA A 8 18.45 25.14 -7.57
C ALA A 8 18.81 25.14 -6.09
N ALA A 9 19.04 26.32 -5.52
CA ALA A 9 19.34 26.39 -4.10
C ALA A 9 18.19 25.85 -3.27
N LYS A 10 16.96 26.23 -3.62
CA LYS A 10 15.78 25.74 -2.92
C LYS A 10 15.68 24.22 -3.00
N LYS A 11 15.86 23.65 -4.20
CA LYS A 11 15.73 22.21 -4.36
C LYS A 11 16.80 21.46 -3.56
N GLY A 12 18.03 21.99 -3.58
CA GLY A 12 19.14 21.36 -2.87
C GLY A 12 18.86 21.33 -1.36
N SEP A 13 18.36 22.44 -0.83
CA SEP A 13 18.07 22.51 0.61
CB SEP A 13 17.77 23.96 1.00
OG SEP A 13 17.13 24.03 2.24
C SEP A 13 16.90 21.60 0.99
O SEP A 13 16.93 20.93 2.04
P SEP A 13 17.59 25.30 3.14
O1P SEP A 13 17.18 26.59 2.29
O2P SEP A 13 16.76 25.16 4.49
O3P SEP A 13 19.15 25.23 3.35
H SEP A 13 18.20 23.16 -1.27
HA SEP A 13 18.86 22.21 1.11
HB2 SEP A 13 17.20 24.35 0.32
HB3 SEP A 13 18.61 24.45 1.04
N GLU A 14 15.83 21.62 0.18
CA GLU A 14 14.72 20.66 0.36
C GLU A 14 15.22 19.22 0.44
N GLN A 15 16.13 18.86 -0.46
CA GLN A 15 16.61 17.48 -0.48
C GLN A 15 17.45 17.17 0.74
N GLU A 16 18.22 18.14 1.21
CA GLU A 16 18.97 17.94 2.45
C GLU A 16 18.03 17.83 3.65
N SER A 17 16.96 18.61 3.67
CA SER A 17 16.02 18.49 4.77
C SER A 17 15.34 17.13 4.79
N VAL A 18 15.08 16.54 3.62
CA VAL A 18 14.49 15.21 3.60
C VAL A 18 15.44 14.21 4.23
N LYS A 19 16.73 14.30 3.92
CA LYS A 19 17.71 13.39 4.52
C LYS A 19 17.67 13.51 6.03
N GLU A 20 17.59 14.73 6.52
CA GLU A 20 17.59 14.98 7.96
C GLU A 20 16.35 14.36 8.61
N PHE A 21 15.20 14.58 8.01
CA PHE A 21 13.97 13.96 8.50
C PHE A 21 14.10 12.44 8.52
N LEU A 22 14.54 11.83 7.40
CA LEU A 22 14.64 10.37 7.35
C LEU A 22 15.58 9.80 8.39
N ALA A 23 16.70 10.49 8.66
CA ALA A 23 17.63 10.01 9.68
C ALA A 23 16.95 9.96 11.03
N LYS A 24 16.23 11.01 11.40
CA LYS A 24 15.51 10.98 12.68
C LYS A 24 14.41 9.91 12.67
N ALA A 25 13.71 9.74 11.54
CA ALA A 25 12.62 8.77 11.47
C ALA A 25 13.14 7.34 11.58
N LYS A 26 14.31 7.07 10.99
CA LYS A 26 14.94 5.76 11.13
C LYS A 26 15.35 5.49 12.56
N GLU A 27 15.85 6.52 13.28
CA GLU A 27 16.18 6.32 14.69
C GLU A 27 14.93 5.98 15.50
N GLU A 28 13.83 6.71 15.28
CA GLU A 28 12.61 6.45 16.05
C GLU A 28 12.06 5.05 15.74
N PHE A 29 12.12 4.65 14.47
CA PHE A 29 11.62 3.35 14.06
C PHE A 29 12.41 2.23 14.72
N LEU A 30 13.73 2.33 14.72
CA LEU A 30 14.53 1.23 15.25
C LEU A 30 14.29 1.04 16.74
N LYS A 31 14.10 2.13 17.49
CA LYS A 31 13.79 1.99 18.91
C LYS A 31 12.54 1.16 19.10
N LYS A 32 11.48 1.50 18.36
CA LYS A 32 10.22 0.80 18.49
C LYS A 32 10.31 -0.61 17.93
N TRP A 33 11.19 -0.80 16.94
CA TRP A 33 11.35 -2.12 16.34
C TRP A 33 11.99 -3.09 17.32
N GLU A 34 12.99 -2.60 18.04
CA GLU A 34 13.74 -3.43 18.98
C GLU A 34 12.99 -3.71 20.27
N SER A 35 11.93 -2.93 20.57
CA SER A 35 11.20 -3.04 21.83
C SER A 35 9.71 -2.84 21.58
N PRO A 36 9.03 -3.86 21.04
CA PRO A 36 7.65 -3.68 20.58
C PRO A 36 6.62 -3.82 21.69
N SER A 37 5.45 -3.23 21.45
CA SER A 37 4.33 -3.28 22.38
C SER A 37 3.50 -4.54 22.16
N GLN A 38 2.82 -4.98 23.23
CA GLN A 38 2.07 -6.22 23.20
C GLN A 38 0.93 -6.12 24.21
N ASN A 39 -0.21 -6.74 23.87
CA ASN A 39 -1.37 -6.96 24.74
C ASN A 39 -1.92 -5.67 25.36
N THR A 40 -2.33 -4.74 24.49
CA THR A 40 -2.81 -3.43 24.92
C THR A 40 -4.34 -3.31 25.03
N ALA A 41 -5.10 -4.39 24.81
CA ALA A 41 -6.56 -4.36 25.03
C ALA A 41 -7.10 -5.80 25.09
N GLN A 42 -8.42 -5.94 25.14
CA GLN A 42 -9.08 -7.24 25.12
C GLN A 42 -10.38 -7.18 24.32
N LEU A 43 -10.83 -8.37 23.87
CA LEU A 43 -11.96 -8.44 22.94
C LEU A 43 -13.21 -7.79 23.51
N ASP A 44 -13.51 -8.03 24.78
CA ASP A 44 -14.80 -7.53 25.28
C ASP A 44 -14.78 -6.02 25.51
N HIS A 45 -13.69 -5.34 25.17
CA HIS A 45 -13.63 -3.88 25.16
C HIS A 45 -14.31 -3.25 23.95
N PHE A 46 -14.77 -4.04 22.98
CA PHE A 46 -15.31 -3.54 21.73
C PHE A 46 -16.64 -4.20 21.40
N ASP A 47 -17.54 -3.43 20.78
CA ASP A 47 -18.72 -3.95 20.10
C ASP A 47 -18.42 -4.24 18.63
N ARG A 48 -18.81 -5.42 18.15
CA ARG A 48 -18.72 -5.77 16.74
C ARG A 48 -19.87 -5.15 15.97
N ILE A 49 -19.59 -4.54 14.82
CA ILE A 49 -20.62 -3.83 14.04
C ILE A 49 -20.83 -4.46 12.67
N LYS A 50 -19.78 -4.64 11.88
CA LYS A 50 -19.95 -5.16 10.53
C LYS A 50 -18.62 -5.71 10.04
N THR A 51 -18.68 -6.75 9.22
CA THR A 51 -17.50 -7.26 8.56
C THR A 51 -17.17 -6.37 7.37
N LEU A 52 -15.93 -5.88 7.34
CA LEU A 52 -15.46 -5.00 6.27
C LEU A 52 -14.70 -5.74 5.18
N GLY A 53 -14.25 -6.97 5.45
CA GLY A 53 -13.46 -7.78 4.51
C GLY A 53 -13.16 -9.15 5.11
N THR A 54 -13.00 -10.17 4.27
CA THR A 54 -12.67 -11.52 4.71
C THR A 54 -11.55 -12.10 3.86
N GLY A 55 -10.83 -13.06 4.43
CA GLY A 55 -9.71 -13.72 3.79
C GLY A 55 -9.67 -15.20 4.13
N SER A 56 -8.59 -15.91 3.79
CA SER A 56 -8.52 -17.34 4.05
C SER A 56 -8.12 -17.67 5.48
N PHE A 57 -7.54 -16.70 6.22
CA PHE A 57 -7.17 -16.94 7.61
C PHE A 57 -7.67 -15.86 8.58
N GLY A 58 -8.58 -14.99 8.16
CA GLY A 58 -9.17 -14.05 9.09
C GLY A 58 -10.08 -13.06 8.39
N ARG A 59 -10.44 -12.01 9.13
CA ARG A 59 -11.36 -11.00 8.63
C ARG A 59 -11.08 -9.67 9.32
N VAL A 60 -11.70 -8.63 8.81
CA VAL A 60 -11.58 -7.29 9.36
C VAL A 60 -12.98 -6.80 9.65
N MET A 61 -13.22 -6.37 10.89
CA MET A 61 -14.53 -5.91 11.31
C MET A 61 -14.46 -4.47 11.77
N LEU A 62 -15.49 -3.70 11.44
CA LEU A 62 -15.69 -2.42 12.08
C LEU A 62 -16.14 -2.69 13.50
N VAL A 63 -15.49 -2.04 14.46
CA VAL A 63 -15.84 -2.20 15.86
C VAL A 63 -15.93 -0.82 16.48
N LYS A 64 -16.60 -0.76 17.64
CA LYS A 64 -16.71 0.47 18.41
C LYS A 64 -16.17 0.19 19.79
N HIS A 65 -15.21 1.00 20.21
CA HIS A 65 -14.62 0.86 21.52
C HIS A 65 -15.64 1.36 22.55
N LYS A 66 -15.92 0.53 23.55
CA LYS A 66 -17.03 0.84 24.46
C LYS A 66 -16.73 2.10 25.29
N GLU A 67 -15.56 2.16 25.93
CA GLU A 67 -15.26 3.32 26.79
C GLU A 67 -15.32 4.63 26.00
N THR A 68 -14.57 4.71 24.88
CA THR A 68 -14.38 5.98 24.17
C THR A 68 -15.38 6.22 23.04
N GLY A 69 -16.15 5.21 22.62
CA GLY A 69 -17.04 5.38 21.49
C GLY A 69 -16.36 5.47 20.13
N ASN A 70 -15.04 5.38 20.08
CA ASN A 70 -14.33 5.47 18.81
C ASN A 70 -14.54 4.19 18.01
N HIS A 71 -14.65 4.37 16.70
CA HIS A 71 -14.68 3.26 15.74
C HIS A 71 -13.27 2.89 15.31
N TYR A 72 -13.04 1.59 15.16
CA TYR A 72 -11.76 1.04 14.71
C TYR A 72 -12.03 -0.07 13.72
N ALA A 73 -10.99 -0.42 12.96
CA ALA A 73 -11.02 -1.61 12.12
C ALA A 73 -10.22 -2.69 12.83
N MET A 74 -10.86 -3.80 13.15
CA MET A 74 -10.21 -4.87 13.92
C MET A 74 -9.96 -6.05 13.00
N LYS A 75 -8.68 -6.36 12.78
CA LYS A 75 -8.27 -7.52 12.00
C LYS A 75 -8.20 -8.72 12.95
N ILE A 76 -8.98 -9.76 12.63
CA ILE A 76 -9.06 -10.97 13.42
C ILE A 76 -8.41 -12.08 12.61
N LEU A 77 -7.30 -12.63 13.10
CA LEU A 77 -6.62 -13.75 12.44
C LEU A 77 -6.78 -15.02 13.27
N ASP A 78 -7.23 -16.09 12.63
CA ASP A 78 -7.42 -17.41 13.24
C ASP A 78 -6.06 -18.09 13.33
N LYS A 79 -5.57 -18.31 14.56
CA LYS A 79 -4.21 -18.82 14.72
C LYS A 79 -4.03 -20.14 13.98
N GLN A 80 -5.03 -21.02 14.05
CA GLN A 80 -4.87 -22.33 13.43
C GLN A 80 -4.80 -22.21 11.91
N LYS A 81 -5.58 -21.31 11.32
CA LYS A 81 -5.53 -21.14 9.86
C LYS A 81 -4.22 -20.47 9.45
N VAL A 82 -3.72 -19.51 10.24
CA VAL A 82 -2.43 -18.90 9.94
C VAL A 82 -1.35 -19.96 9.80
N VAL A 83 -1.31 -20.90 10.74
CA VAL A 83 -0.31 -21.96 10.72
C VAL A 83 -0.53 -22.87 9.52
N LYS A 84 -1.76 -23.36 9.32
CA LYS A 84 -2.02 -24.25 8.21
C LYS A 84 -1.59 -23.62 6.89
N LEU A 85 -1.82 -22.32 6.73
CA LEU A 85 -1.50 -21.66 5.47
C LEU A 85 -0.10 -21.08 5.43
N LYS A 86 0.73 -21.37 6.43
CA LYS A 86 2.15 -21.01 6.41
C LYS A 86 2.35 -19.49 6.40
N GLN A 87 1.59 -18.80 7.25
CA GLN A 87 1.65 -17.34 7.30
C GLN A 87 2.14 -16.83 8.65
N ILE A 88 2.81 -17.68 9.44
CA ILE A 88 3.24 -17.27 10.78
C ILE A 88 4.18 -16.08 10.70
N GLU A 89 5.31 -16.22 9.98
CA GLU A 89 6.28 -15.14 9.89
C GLU A 89 5.65 -13.87 9.31
N HIS A 90 4.83 -14.00 8.26
CA HIS A 90 4.21 -12.81 7.66
C HIS A 90 3.33 -12.07 8.67
N THR A 91 2.59 -12.83 9.48
CA THR A 91 1.65 -12.22 10.43
C THR A 91 2.39 -11.51 11.56
N LEU A 92 3.37 -12.17 12.16
CA LEU A 92 4.17 -11.52 13.21
C LEU A 92 4.92 -10.30 12.67
N ASN A 93 5.46 -10.41 11.45
CA ASN A 93 6.20 -9.32 10.82
C ASN A 93 5.29 -8.11 10.55
N GLU A 94 4.07 -8.37 10.03
CA GLU A 94 3.15 -7.26 9.79
C GLU A 94 2.88 -6.50 11.06
N LYS A 95 2.58 -7.21 12.15
CA LYS A 95 2.33 -6.55 13.43
C LYS A 95 3.55 -5.77 13.88
N ARG A 96 4.75 -6.36 13.74
CA ARG A 96 5.97 -5.69 14.20
C ARG A 96 6.22 -4.43 13.40
N ILE A 97 5.98 -4.49 12.09
CA ILE A 97 6.13 -3.29 11.27
C ILE A 97 5.13 -2.24 11.70
N LEU A 98 3.86 -2.63 11.82
CA LEU A 98 2.82 -1.64 12.09
C LEU A 98 3.05 -0.96 13.43
N GLN A 99 3.52 -1.69 14.43
CA GLN A 99 3.73 -1.02 15.70
C GLN A 99 4.98 -0.16 15.70
N ALA A 100 5.83 -0.25 14.66
CA ALA A 100 7.06 0.53 14.69
C ALA A 100 7.09 1.74 13.75
N VAL A 101 6.30 1.75 12.67
CA VAL A 101 6.35 2.86 11.72
C VAL A 101 5.49 4.02 12.21
N ASN A 102 5.73 5.18 11.61
CA ASN A 102 4.94 6.37 11.91
C ASN A 102 5.01 7.29 10.70
N PHE A 103 3.89 7.43 9.99
CA PHE A 103 3.88 8.25 8.79
C PHE A 103 2.42 8.59 8.47
N PRO A 104 2.15 9.77 7.92
CA PRO A 104 0.74 10.21 7.80
C PRO A 104 -0.09 9.38 6.85
N PHE A 105 0.54 8.56 6.00
CA PHE A 105 -0.19 7.72 5.05
C PHE A 105 -0.06 6.23 5.35
N LEU A 106 0.42 5.86 6.54
CA LEU A 106 0.46 4.48 6.99
C LEU A 106 -0.52 4.32 8.13
N VAL A 107 -1.36 3.27 8.07
CA VAL A 107 -2.41 3.14 9.07
C VAL A 107 -1.80 3.00 10.45
N LYS A 108 -2.50 3.55 11.44
CA LYS A 108 -2.02 3.51 12.82
C LYS A 108 -2.65 2.33 13.55
N LEU A 109 -1.78 1.51 14.12
CA LEU A 109 -2.18 0.40 14.96
C LEU A 109 -2.34 0.92 16.37
N GLU A 110 -3.56 0.89 16.86
CA GLU A 110 -3.85 1.42 18.20
C GLU A 110 -3.87 0.35 19.29
N PHE A 111 -4.18 -0.90 18.96
CA PHE A 111 -4.19 -1.97 19.97
C PHE A 111 -3.90 -3.29 19.29
N SER A 112 -3.35 -4.22 20.06
CA SER A 112 -3.22 -5.59 19.61
C SER A 112 -3.29 -6.53 20.80
N PHE A 113 -3.82 -7.73 20.59
CA PHE A 113 -3.91 -8.75 21.63
C PHE A 113 -4.21 -10.09 20.99
N LYS A 114 -4.25 -11.13 21.82
CA LYS A 114 -4.58 -12.47 21.39
C LYS A 114 -5.42 -13.17 22.46
N ASP A 115 -6.10 -14.22 22.03
CA ASP A 115 -6.78 -15.12 22.95
C ASP A 115 -6.53 -16.53 22.46
N ASN A 116 -7.29 -17.49 23.00
CA ASN A 116 -7.00 -18.90 22.72
C ASN A 116 -7.02 -19.19 21.22
N SER A 117 -7.92 -18.55 20.47
CA SER A 117 -8.13 -18.89 19.07
C SER A 117 -7.48 -17.91 18.10
N ASN A 118 -7.53 -16.62 18.37
CA ASN A 118 -7.29 -15.61 17.34
C ASN A 118 -6.26 -14.58 17.77
N LEU A 119 -5.72 -13.90 16.77
CA LEU A 119 -4.89 -12.73 16.93
C LEU A 119 -5.69 -11.49 16.55
N TYR A 120 -5.48 -10.39 17.26
CA TYR A 120 -6.25 -9.18 17.03
C TYR A 120 -5.33 -7.98 16.81
N MET A 121 -5.54 -7.27 15.71
CA MET A 121 -4.90 -5.99 15.45
C MET A 121 -5.97 -4.93 15.26
N VAL A 122 -6.01 -3.95 16.15
CA VAL A 122 -6.99 -2.89 16.12
C VAL A 122 -6.36 -1.62 15.55
N MET A 123 -6.84 -1.22 14.37
CA MET A 123 -6.30 -0.10 13.61
C MET A 123 -7.32 1.03 13.48
N GLU A 124 -6.85 2.24 13.25
CA GLU A 124 -7.77 3.31 12.87
C GLU A 124 -8.70 2.85 11.76
N TYR A 125 -9.97 3.23 11.85
CA TYR A 125 -10.91 2.94 10.79
C TYR A 125 -10.77 3.97 9.68
N VAL A 126 -10.62 3.50 8.45
CA VAL A 126 -10.43 4.40 7.30
C VAL A 126 -11.70 4.32 6.48
N PRO A 127 -12.62 5.29 6.62
CA PRO A 127 -14.02 5.05 6.18
C PRO A 127 -14.25 5.20 4.69
N GLY A 128 -13.31 5.74 3.93
CA GLY A 128 -13.53 5.95 2.50
C GLY A 128 -13.44 4.70 1.65
N GLY A 129 -13.02 3.57 2.21
CA GLY A 129 -12.93 2.32 1.42
C GLY A 129 -11.69 2.29 0.55
N GLU A 130 -11.60 1.26 -0.30
CA GLU A 130 -10.43 1.06 -1.15
C GLU A 130 -10.46 2.03 -2.34
N MET A 131 -9.28 2.49 -2.73
CA MET A 131 -9.16 3.24 -3.98
C MET A 131 -9.72 2.42 -5.14
N PHE A 132 -9.54 1.09 -5.09
CA PHE A 132 -10.00 0.20 -6.15
C PHE A 132 -11.46 0.49 -6.54
N SER A 133 -12.36 0.56 -5.55
N SER A 133 -12.36 0.56 -5.55
CA SER A 133 -13.78 0.73 -5.84
CA SER A 133 -13.77 0.72 -5.86
C SER A 133 -14.05 2.08 -6.50
C SER A 133 -14.06 2.08 -6.48
N HIS A 134 -13.43 3.14 -5.96
CA HIS A 134 -13.65 4.48 -6.53
C HIS A 134 -13.12 4.54 -7.94
N LEU A 135 -12.00 3.88 -8.17
CA LEU A 135 -11.42 3.87 -9.51
C LEU A 135 -12.30 3.14 -10.51
N ARG A 136 -12.79 1.94 -10.15
CA ARG A 136 -13.69 1.24 -11.07
C ARG A 136 -14.98 2.02 -11.28
N ARG A 137 -15.48 2.68 -10.24
N ARG A 137 -15.45 2.69 -10.23
CA ARG A 137 -16.73 3.42 -10.38
CA ARG A 137 -16.71 3.43 -10.30
C ARG A 137 -16.55 4.67 -11.25
C ARG A 137 -16.58 4.69 -11.16
N ILE A 138 -15.51 5.44 -10.99
CA ILE A 138 -15.31 6.68 -11.75
C ILE A 138 -14.85 6.34 -13.16
N GLY A 139 -14.13 5.24 -13.31
CA GLY A 139 -13.57 4.78 -14.57
C GLY A 139 -12.05 4.97 -14.58
N ARG A 140 -11.66 6.24 -14.55
CA ARG A 140 -10.26 6.64 -14.41
C ARG A 140 -10.17 7.99 -13.72
N PHE A 141 -9.01 8.26 -13.14
CA PHE A 141 -8.72 9.56 -12.51
C PHE A 141 -8.02 10.48 -13.53
N SEP A 142 -8.38 11.76 -13.55
CA SEP A 142 -7.63 12.71 -14.35
CB SEP A 142 -8.26 14.08 -14.22
OG SEP A 142 -8.12 14.55 -12.90
C SEP A 142 -6.19 12.77 -13.82
O SEP A 142 -5.91 12.38 -12.66
P SEP A 142 -9.07 15.85 -12.61
O1P SEP A 142 -9.04 16.84 -13.89
O2P SEP A 142 -8.42 16.58 -11.37
O3P SEP A 142 -10.54 15.29 -12.22
H SEP A 142 -9.04 12.09 -13.11
HA SEP A 142 -7.63 12.44 -15.28
HB2 SEP A 142 -9.20 14.03 -14.45
HB3 SEP A 142 -7.80 14.70 -14.82
N GLU A 143 -5.30 13.29 -14.62
CA GLU A 143 -3.89 13.27 -14.23
C GLU A 143 -3.62 14.02 -12.91
N PRO A 144 -4.24 15.19 -12.67
CA PRO A 144 -4.03 15.84 -11.36
C PRO A 144 -4.50 14.99 -10.20
N HIS A 145 -5.61 14.30 -10.38
CA HIS A 145 -6.18 13.42 -9.36
C HIS A 145 -5.24 12.23 -9.09
N ALA A 146 -4.78 11.58 -10.16
CA ALA A 146 -3.81 10.50 -10.01
C ALA A 146 -2.51 10.99 -9.38
N ARG A 147 -2.06 12.19 -9.75
CA ARG A 147 -0.79 12.73 -9.24
C ARG A 147 -0.88 12.96 -7.73
N PHE A 148 -2.02 13.46 -7.25
CA PHE A 148 -2.25 13.66 -5.83
C PHE A 148 -1.99 12.36 -5.06
N TYR A 149 -2.55 11.26 -5.56
CA TYR A 149 -2.36 9.96 -4.91
C TYR A 149 -0.92 9.47 -5.10
N ALA A 150 -0.38 9.62 -6.31
CA ALA A 150 0.97 9.13 -6.61
C ALA A 150 1.99 9.80 -5.71
N ALA A 151 1.80 11.10 -5.48
CA ALA A 151 2.71 11.86 -4.62
C ALA A 151 2.78 11.26 -3.22
N GLN A 152 1.63 10.84 -2.69
CA GLN A 152 1.61 10.21 -1.38
C GLN A 152 2.34 8.86 -1.38
N ILE A 153 2.20 8.07 -2.44
CA ILE A 153 2.94 6.80 -2.47
C ILE A 153 4.44 7.05 -2.59
N VAL A 154 4.85 8.04 -3.40
CA VAL A 154 6.26 8.40 -3.52
C VAL A 154 6.82 8.72 -2.13
N LEU A 155 6.14 9.59 -1.39
CA LEU A 155 6.65 9.93 -0.07
C LEU A 155 6.63 8.74 0.87
N THR A 156 5.58 7.91 0.78
CA THR A 156 5.48 6.74 1.67
C THR A 156 6.58 5.73 1.34
N PHE A 157 6.85 5.51 0.06
CA PHE A 157 7.95 4.60 -0.29
C PHE A 157 9.31 5.20 0.08
N GLU A 158 9.47 6.52 -0.08
CA GLU A 158 10.72 7.14 0.35
C GLU A 158 10.95 6.90 1.84
N TYR A 159 9.89 7.03 2.63
CA TYR A 159 9.95 6.70 4.05
C TYR A 159 10.31 5.22 4.27
N LEU A 160 9.49 4.30 3.76
CA LEU A 160 9.70 2.87 4.00
C LEU A 160 11.08 2.42 3.55
N HIS A 161 11.53 2.85 2.35
CA HIS A 161 12.83 2.45 1.85
C HIS A 161 13.96 2.97 2.75
N SER A 162 13.81 4.16 3.33
CA SER A 162 14.84 4.64 4.25
C SER A 162 14.96 3.74 5.48
N LEU A 163 13.87 3.05 5.86
CA LEU A 163 13.87 2.03 6.92
C LEU A 163 14.32 0.65 6.43
N ASP A 164 14.78 0.57 5.19
CA ASP A 164 15.10 -0.69 4.51
C ASP A 164 13.90 -1.62 4.34
N LEU A 165 12.68 -1.10 4.33
CA LEU A 165 11.47 -1.92 4.13
C LEU A 165 11.02 -1.86 2.67
N ILE A 166 10.91 -3.04 2.02
CA ILE A 166 10.31 -3.14 0.69
C ILE A 166 8.86 -3.51 0.89
N TYR A 167 7.93 -2.85 0.17
CA TYR A 167 6.52 -3.02 0.42
C TYR A 167 5.96 -4.25 -0.33
N ARG A 168 6.17 -4.31 -1.65
CA ARG A 168 5.95 -5.46 -2.51
C ARG A 168 4.48 -5.79 -2.80
N ASP A 169 3.50 -5.04 -2.30
CA ASP A 169 2.13 -5.38 -2.68
C ASP A 169 1.29 -4.15 -3.00
N LEU A 170 1.90 -3.16 -3.63
CA LEU A 170 1.15 -1.99 -4.09
C LEU A 170 0.09 -2.37 -5.11
N LYS A 171 -1.12 -1.83 -4.92
CA LYS A 171 -2.23 -1.94 -5.86
C LYS A 171 -3.39 -1.15 -5.28
N PRO A 172 -4.35 -0.75 -6.11
CA PRO A 172 -5.47 0.06 -5.60
C PRO A 172 -6.30 -0.63 -4.50
N GLU A 173 -6.38 -1.97 -4.52
CA GLU A 173 -7.03 -2.74 -3.47
C GLU A 173 -6.39 -2.56 -2.10
N ASN A 174 -5.11 -2.15 -2.04
CA ASN A 174 -4.42 -2.02 -0.78
C ASN A 174 -4.32 -0.57 -0.33
N LEU A 175 -5.02 0.34 -0.99
CA LEU A 175 -4.95 1.76 -0.67
C LEU A 175 -6.33 2.25 -0.28
N LEU A 176 -6.46 2.67 0.96
CA LEU A 176 -7.73 3.15 1.47
C LEU A 176 -7.73 4.68 1.38
N ILE A 177 -8.91 5.25 1.30
CA ILE A 177 -9.11 6.69 1.27
C ILE A 177 -9.72 7.13 2.59
N ASP A 178 -9.10 8.12 3.26
CA ASP A 178 -9.60 8.58 4.56
C ASP A 178 -10.60 9.73 4.37
N GLN A 179 -11.11 10.25 5.49
CA GLN A 179 -12.20 11.21 5.41
C GLN A 179 -11.75 12.53 4.81
N GLN A 180 -10.45 12.82 4.81
CA GLN A 180 -9.93 13.99 4.11
C GLN A 180 -9.51 13.68 2.68
N GLY A 181 -9.72 12.47 2.18
CA GLY A 181 -9.37 12.19 0.78
C GLY A 181 -7.94 11.74 0.56
N TYR A 182 -7.19 11.56 1.64
CA TYR A 182 -5.83 11.08 1.59
C TYR A 182 -5.77 9.57 1.73
N ILE A 183 -4.64 9.01 1.34
CA ILE A 183 -4.41 7.58 1.32
C ILE A 183 -3.94 7.05 2.65
N GLN A 184 -4.38 5.83 2.96
CA GLN A 184 -3.87 5.00 4.05
C GLN A 184 -3.44 3.65 3.49
N VAL A 185 -2.20 3.27 3.75
CA VAL A 185 -1.65 1.93 3.47
C VAL A 185 -1.85 1.10 4.72
N THR A 186 -2.52 -0.05 4.60
CA THR A 186 -2.93 -0.81 5.77
C THR A 186 -2.31 -2.19 5.91
N ASP A 187 -1.94 -2.84 4.81
CA ASP A 187 -1.53 -4.23 4.79
C ASP A 187 -0.02 -4.31 4.60
N PHE A 188 0.64 -5.10 5.43
CA PHE A 188 2.09 -5.24 5.32
C PHE A 188 2.49 -6.70 5.34
N GLY A 189 1.60 -7.57 4.89
CA GLY A 189 1.85 -9.01 4.94
C GLY A 189 3.08 -9.45 4.15
N PHE A 190 3.40 -8.75 3.05
CA PHE A 190 4.53 -9.11 2.20
C PHE A 190 5.73 -8.19 2.34
N ALA A 191 5.66 -7.21 3.22
CA ALA A 191 6.76 -6.28 3.38
C ALA A 191 7.93 -6.99 4.04
N LYS A 192 9.13 -6.59 3.70
CA LYS A 192 10.31 -7.20 4.31
C LYS A 192 11.41 -6.18 4.52
N ARG A 193 12.18 -6.36 5.61
CA ARG A 193 13.43 -5.62 5.80
C ARG A 193 14.50 -6.18 4.88
N VAL A 194 14.94 -5.37 3.92
CA VAL A 194 15.86 -5.82 2.88
C VAL A 194 16.83 -4.69 2.61
N LYS A 195 18.03 -4.72 3.22
CA LYS A 195 19.02 -3.72 2.88
C LYS A 195 19.62 -3.99 1.50
N GLY A 196 19.83 -5.25 1.19
CA GLY A 196 20.41 -5.64 -0.09
C GLY A 196 19.40 -6.25 -1.03
N ARG A 197 19.40 -7.57 -1.15
CA ARG A 197 18.52 -8.25 -2.10
C ARG A 197 17.65 -9.27 -1.37
N THR A 198 16.59 -9.69 -2.05
CA THR A 198 15.77 -10.77 -1.53
C THR A 198 15.23 -11.53 -2.74
N TRP A 199 14.62 -12.68 -2.49
CA TRP A 199 14.32 -13.62 -3.58
C TRP A 199 12.88 -14.16 -3.65
N TPO A 200 12.04 -13.88 -2.66
CA TPO A 200 10.72 -14.55 -2.64
CB TPO A 200 9.95 -14.29 -1.32
CG2 TPO A 200 8.64 -15.11 -1.30
OG1 TPO A 200 10.81 -14.70 -0.27
P TPO A 200 11.27 -13.46 0.66
O1P TPO A 200 11.86 -12.31 -0.25
O2P TPO A 200 12.43 -13.92 1.64
O3P TPO A 200 10.13 -12.88 1.43
C TPO A 200 9.86 -14.13 -3.82
O TPO A 200 9.74 -12.93 -4.17
H TPO A 200 12.19 -13.33 -2.01
HA TPO A 200 10.87 -15.52 -2.71
HB TPO A 200 9.72 -13.23 -1.24
HG21 TPO A 200 8.11 -14.92 -0.37
HG22 TPO A 200 8.88 -16.18 -1.38
HG23 TPO A 200 8.02 -14.83 -2.15
N LEU A 201 9.21 -15.12 -4.43
CA LEU A 201 8.18 -14.85 -5.41
C LEU A 201 6.89 -14.44 -4.69
N CYS A 202 6.55 -13.17 -4.72
CA CYS A 202 5.32 -12.70 -4.07
C CYS A 202 4.85 -11.42 -4.76
N GLY A 203 3.58 -11.10 -4.55
CA GLY A 203 2.97 -9.93 -5.16
C GLY A 203 1.70 -10.30 -5.89
N THR A 204 1.19 -9.37 -6.70
CA THR A 204 -0.03 -9.59 -7.49
C THR A 204 0.33 -9.56 -8.98
N PRO A 205 -0.18 -10.48 -9.81
CA PRO A 205 0.39 -10.62 -11.16
C PRO A 205 0.58 -9.31 -11.92
N GLU A 206 -0.45 -8.44 -11.95
CA GLU A 206 -0.40 -7.23 -12.77
C GLU A 206 0.67 -6.24 -12.29
N TYR A 207 1.09 -6.35 -11.02
CA TYR A 207 2.00 -5.40 -10.39
C TYR A 207 3.39 -5.97 -10.20
N LEU A 208 3.65 -7.19 -10.66
CA LEU A 208 4.96 -7.82 -10.49
C LEU A 208 6.01 -7.20 -11.42
N ALA A 209 7.14 -6.79 -10.82
CA ALA A 209 8.30 -6.36 -11.56
C ALA A 209 8.92 -7.51 -12.37
N PRO A 210 9.50 -7.20 -13.54
CA PRO A 210 10.05 -8.29 -14.37
C PRO A 210 11.07 -9.13 -13.65
N GLU A 211 11.91 -8.52 -12.81
CA GLU A 211 12.93 -9.31 -12.14
C GLU A 211 12.36 -10.27 -11.10
N ILE A 212 11.15 -10.01 -10.56
CA ILE A 212 10.47 -11.02 -9.74
C ILE A 212 10.01 -12.17 -10.62
N ILE A 213 9.35 -11.84 -11.74
CA ILE A 213 8.91 -12.86 -12.70
C ILE A 213 10.07 -13.74 -13.14
N LEU A 214 11.23 -13.16 -13.37
CA LEU A 214 12.35 -13.90 -13.90
C LEU A 214 13.18 -14.54 -12.80
N SER A 215 12.68 -14.55 -11.57
CA SER A 215 13.29 -15.37 -10.51
C SER A 215 14.70 -14.86 -10.16
N LYS A 216 14.89 -13.55 -10.19
CA LYS A 216 16.17 -12.93 -9.88
C LYS A 216 16.15 -12.51 -8.43
N GLY A 217 17.34 -12.34 -7.85
CA GLY A 217 17.42 -11.53 -6.63
C GLY A 217 17.03 -10.11 -6.94
N TYR A 218 16.22 -9.50 -6.10
CA TYR A 218 15.76 -8.15 -6.41
C TYR A 218 15.82 -7.28 -5.18
N ASN A 219 15.54 -5.98 -5.35
CA ASN A 219 15.68 -4.98 -4.29
C ASN A 219 14.49 -4.04 -4.34
N LYS A 220 14.61 -2.88 -3.65
CA LYS A 220 13.52 -1.93 -3.51
C LYS A 220 13.05 -1.34 -4.83
N ALA A 221 13.82 -1.47 -5.91
CA ALA A 221 13.32 -1.00 -7.20
C ALA A 221 12.03 -1.69 -7.64
N VAL A 222 11.67 -2.85 -7.08
CA VAL A 222 10.39 -3.46 -7.47
C VAL A 222 9.23 -2.56 -7.05
N ASP A 223 9.40 -1.82 -5.96
CA ASP A 223 8.32 -0.93 -5.52
C ASP A 223 8.14 0.23 -6.49
N TRP A 224 9.24 0.70 -7.10
CA TRP A 224 9.12 1.80 -8.05
C TRP A 224 8.52 1.33 -9.37
N TRP A 225 8.79 0.09 -9.77
CA TRP A 225 8.07 -0.49 -10.90
C TRP A 225 6.59 -0.51 -10.61
N ALA A 226 6.23 -1.00 -9.42
CA ALA A 226 4.83 -1.12 -9.04
C ALA A 226 4.18 0.26 -8.99
N LEU A 227 4.93 1.30 -8.62
CA LEU A 227 4.36 2.65 -8.67
C LEU A 227 4.00 3.04 -10.10
N GLY A 228 4.86 2.69 -11.06
CA GLY A 228 4.54 2.93 -12.47
C GLY A 228 3.26 2.23 -12.90
N VAL A 229 3.06 0.99 -12.44
CA VAL A 229 1.82 0.28 -12.73
C VAL A 229 0.63 1.00 -12.09
N LEU A 230 0.78 1.42 -10.84
CA LEU A 230 -0.32 2.10 -10.14
C LEU A 230 -0.69 3.40 -10.84
N ILE A 231 0.30 4.19 -11.20
CA ILE A 231 0.01 5.48 -11.84
C ILE A 231 -0.71 5.24 -13.16
N TYR A 232 -0.20 4.30 -13.93
CA TYR A 232 -0.86 3.95 -15.19
C TYR A 232 -2.32 3.57 -14.97
N GLU A 233 -2.57 2.63 -14.04
CA GLU A 233 -3.95 2.16 -13.85
C GLU A 233 -4.86 3.29 -13.36
N MET A 234 -4.35 4.16 -12.48
CA MET A 234 -5.14 5.29 -11.99
C MET A 234 -5.53 6.24 -13.12
N ALA A 235 -4.60 6.49 -14.03
CA ALA A 235 -4.82 7.44 -15.12
C ALA A 235 -5.50 6.81 -16.33
N ALA A 236 -5.35 5.51 -16.54
CA ALA A 236 -6.01 4.86 -17.67
C ALA A 236 -7.33 4.21 -17.31
N GLY A 237 -7.47 3.76 -16.07
CA GLY A 237 -8.61 2.96 -15.68
C GLY A 237 -8.36 1.46 -15.76
N TYR A 238 -7.27 1.02 -16.39
CA TYR A 238 -6.87 -0.37 -16.48
C TYR A 238 -5.37 -0.40 -16.42
N PRO A 239 -4.79 -1.53 -16.03
CA PRO A 239 -3.36 -1.59 -15.84
C PRO A 239 -2.65 -1.76 -17.17
N PRO A 240 -1.33 -1.57 -17.18
CA PRO A 240 -0.59 -1.61 -18.44
C PRO A 240 -0.47 -3.02 -18.99
N PHE A 241 -0.49 -4.03 -18.13
CA PHE A 241 -0.27 -5.41 -18.56
C PHE A 241 -1.41 -6.27 -18.02
N PHE A 242 -2.22 -6.78 -18.93
CA PHE A 242 -3.30 -7.65 -18.55
C PHE A 242 -3.56 -8.69 -19.64
N ALA A 243 -4.16 -9.79 -19.24
CA ALA A 243 -4.49 -10.92 -20.10
C ALA A 243 -5.40 -11.87 -19.31
N ASP A 244 -5.92 -12.87 -20.03
CA ASP A 244 -6.79 -13.89 -19.43
C ASP A 244 -6.09 -14.60 -18.29
N GLN A 245 -4.85 -15.02 -18.52
CA GLN A 245 -4.12 -15.85 -17.57
C GLN A 245 -2.82 -15.18 -17.16
N PRO A 246 -2.41 -15.33 -15.90
CA PRO A 246 -1.18 -14.68 -15.45
C PRO A 246 0.05 -14.90 -16.33
N ILE A 247 0.29 -16.13 -16.84
CA ILE A 247 1.48 -16.34 -17.67
C ILE A 247 1.53 -15.37 -18.84
N GLN A 248 0.37 -15.08 -19.44
CA GLN A 248 0.35 -14.13 -20.54
C GLN A 248 0.60 -12.70 -20.03
N ILE A 249 0.17 -12.38 -18.80
CA ILE A 249 0.51 -11.07 -18.23
C ILE A 249 2.02 -10.97 -18.07
N TYR A 250 2.65 -12.06 -17.64
CA TYR A 250 4.08 -12.02 -17.35
C TYR A 250 4.90 -11.86 -18.63
N GLU A 251 4.47 -12.47 -19.75
CA GLU A 251 5.17 -12.26 -21.02
C GLU A 251 5.12 -10.79 -21.41
N LYS A 252 3.99 -10.13 -21.17
CA LYS A 252 3.90 -8.71 -21.45
C LYS A 252 4.81 -7.91 -20.56
N ILE A 253 4.84 -8.23 -19.26
CA ILE A 253 5.67 -7.48 -18.34
C ILE A 253 7.13 -7.54 -18.76
N VAL A 254 7.64 -8.73 -19.06
CA VAL A 254 9.08 -8.84 -19.36
C VAL A 254 9.44 -8.35 -20.75
N SER A 255 8.48 -8.15 -21.65
CA SER A 255 8.81 -7.83 -23.03
C SER A 255 9.50 -6.47 -23.19
N GLY A 256 9.41 -5.58 -22.21
CA GLY A 256 9.93 -4.25 -22.39
C GLY A 256 9.06 -3.34 -23.25
N LYS A 257 7.86 -3.79 -23.63
CA LYS A 257 6.95 -2.99 -24.42
C LYS A 257 5.76 -2.56 -23.56
N VAL A 258 5.34 -1.31 -23.70
CA VAL A 258 4.13 -0.81 -23.03
C VAL A 258 3.46 0.20 -23.95
N ARG A 259 2.13 0.17 -23.96
CA ARG A 259 1.30 1.06 -24.76
C ARG A 259 0.46 1.93 -23.84
N PHE A 260 0.17 3.13 -24.31
CA PHE A 260 -0.46 4.20 -23.56
C PHE A 260 -1.72 4.69 -24.24
N PRO A 261 -2.76 5.01 -23.49
CA PRO A 261 -3.91 5.69 -24.10
C PRO A 261 -3.50 7.01 -24.74
N SER A 262 -4.22 7.40 -25.78
CA SER A 262 -3.86 8.66 -26.42
C SER A 262 -4.15 9.86 -25.52
N HIS A 263 -4.93 9.72 -24.45
CA HIS A 263 -5.13 10.89 -23.61
C HIS A 263 -4.01 11.12 -22.59
N PHE A 264 -3.05 10.21 -22.47
CA PHE A 264 -1.94 10.41 -21.55
C PHE A 264 -1.07 11.57 -22.04
N SER A 265 -0.75 12.50 -21.15
CA SER A 265 0.18 13.57 -21.47
C SER A 265 1.56 12.97 -21.81
N SER A 266 2.35 13.71 -22.56
CA SER A 266 3.71 13.27 -22.83
C SER A 266 4.53 13.21 -21.56
N ASP A 267 4.30 14.12 -20.62
CA ASP A 267 5.04 14.07 -19.36
C ASP A 267 4.76 12.77 -18.61
N LEU A 268 3.50 12.34 -18.60
CA LEU A 268 3.12 11.12 -17.91
C LEU A 268 3.74 9.90 -18.58
N LYS A 269 3.69 9.85 -19.91
CA LYS A 269 4.30 8.73 -20.61
C LYS A 269 5.80 8.66 -20.34
N ASP A 270 6.46 9.81 -20.29
CA ASP A 270 7.90 9.80 -20.05
C ASP A 270 8.20 9.27 -18.65
N LEU A 271 7.44 9.71 -17.64
CA LEU A 271 7.63 9.20 -16.30
C LEU A 271 7.38 7.68 -16.27
N LEU A 272 6.27 7.25 -16.87
CA LEU A 272 5.94 5.83 -16.83
C LEU A 272 6.97 4.98 -17.56
N ARG A 273 7.52 5.48 -18.68
CA ARG A 273 8.54 4.71 -19.37
C ARG A 273 9.77 4.55 -18.51
N ASN A 274 10.01 5.51 -17.62
CA ASN A 274 11.17 5.44 -16.75
C ASN A 274 10.92 4.64 -15.47
N LEU A 275 9.67 4.51 -15.03
CA LEU A 275 9.33 3.59 -13.92
C LEU A 275 9.14 2.15 -14.41
N LEU A 276 8.47 1.98 -15.55
CA LEU A 276 8.22 0.66 -16.14
C LEU A 276 9.38 0.27 -17.05
N GLN A 277 10.58 0.37 -16.49
CA GLN A 277 11.83 0.15 -17.22
C GLN A 277 12.35 -1.21 -16.80
N VAL A 278 12.41 -2.13 -17.77
CA VAL A 278 12.77 -3.51 -17.48
C VAL A 278 14.23 -3.58 -17.02
N ASP A 279 15.05 -2.70 -17.54
CA ASP A 279 16.48 -2.66 -17.27
C ASP A 279 16.72 -1.92 -15.94
N LEU A 280 17.18 -2.65 -14.93
CA LEU A 280 17.39 -2.05 -13.60
C LEU A 280 18.44 -0.92 -13.61
N THR A 281 19.38 -0.90 -14.54
CA THR A 281 20.36 0.17 -14.52
C THR A 281 19.78 1.47 -15.06
N LYS A 282 18.52 1.46 -15.50
CA LYS A 282 17.90 2.66 -16.03
C LYS A 282 16.59 3.01 -15.34
N ARG A 283 16.14 2.21 -14.36
CA ARG A 283 14.83 2.48 -13.74
C ARG A 283 14.91 3.61 -12.74
N PHE A 284 13.96 4.54 -12.86
CA PHE A 284 13.86 5.62 -11.90
C PHE A 284 13.57 5.01 -10.53
N GLY A 285 14.21 5.61 -9.51
CA GLY A 285 14.17 5.12 -8.15
C GLY A 285 15.32 4.19 -7.85
N ASN A 286 16.03 3.72 -8.86
CA ASN A 286 17.14 2.79 -8.67
C ASN A 286 18.47 3.36 -9.14
N LEU A 287 18.56 4.66 -9.39
CA LEU A 287 19.77 5.26 -9.95
C LEU A 287 20.51 6.01 -8.87
N LYS A 288 21.62 6.65 -9.26
CA LYS A 288 22.45 7.38 -8.30
C LYS A 288 21.66 8.46 -7.59
N ASN A 289 20.74 9.12 -8.31
N ASN A 289 20.76 9.14 -8.29
CA ASN A 289 19.94 10.22 -7.80
CA ASN A 289 20.00 10.22 -7.65
C ASN A 289 18.74 9.73 -6.96
C ASN A 289 18.72 9.74 -6.96
N GLY A 290 18.54 8.43 -6.85
CA GLY A 290 17.53 7.85 -5.96
C GLY A 290 16.12 8.34 -6.25
N VAL A 291 15.40 8.70 -5.19
CA VAL A 291 14.00 9.09 -5.33
C VAL A 291 13.89 10.44 -6.03
N ASN A 292 14.98 11.21 -6.05
CA ASN A 292 14.93 12.55 -6.61
C ASN A 292 14.63 12.54 -8.10
N ASP A 293 15.08 11.52 -8.84
CA ASP A 293 14.72 11.41 -10.24
C ASP A 293 13.20 11.39 -10.43
N ILE A 294 12.48 10.75 -9.51
CA ILE A 294 11.01 10.73 -9.60
C ILE A 294 10.44 12.07 -9.15
N LYS A 295 10.86 12.56 -7.99
CA LYS A 295 10.25 13.79 -7.45
C LYS A 295 10.52 14.99 -8.32
N ASN A 296 11.65 15.04 -9.02
CA ASN A 296 11.96 16.19 -9.83
C ASN A 296 11.50 16.01 -11.26
N HIS A 297 10.79 14.92 -11.55
CA HIS A 297 10.33 14.74 -12.91
C HIS A 297 9.29 15.80 -13.25
N LYS A 298 9.25 16.17 -14.53
CA LYS A 298 8.29 17.15 -15.03
C LYS A 298 6.84 16.85 -14.62
N TRP A 299 6.43 15.59 -14.59
CA TRP A 299 5.01 15.33 -14.32
C TRP A 299 4.63 15.73 -12.92
N PHE A 300 5.61 15.85 -12.02
CA PHE A 300 5.39 16.27 -10.65
C PHE A 300 5.78 17.72 -10.41
N ALA A 301 6.00 18.50 -11.49
CA ALA A 301 6.51 19.86 -11.33
C ALA A 301 5.59 20.72 -10.50
N THR A 302 4.28 20.47 -10.52
CA THR A 302 3.33 21.25 -9.72
C THR A 302 3.13 20.69 -8.31
N THR A 303 3.78 19.59 -7.96
CA THR A 303 3.60 18.96 -6.66
C THR A 303 4.41 19.71 -5.60
N ASP A 304 3.74 20.19 -4.57
CA ASP A 304 4.37 20.70 -3.36
C ASP A 304 4.50 19.55 -2.36
N TRP A 305 5.69 18.94 -2.32
CA TRP A 305 5.88 17.72 -1.55
C TRP A 305 5.64 17.92 -0.06
N ILE A 306 6.09 19.06 0.49
CA ILE A 306 5.88 19.34 1.91
C ILE A 306 4.41 19.52 2.21
N ALA A 307 3.69 20.26 1.36
CA ALA A 307 2.26 20.45 1.53
C ALA A 307 1.51 19.12 1.51
N ILE A 308 1.90 18.19 0.62
CA ILE A 308 1.28 16.86 0.62
C ILE A 308 1.56 16.18 1.95
N TYR A 309 2.81 16.18 2.39
CA TYR A 309 3.16 15.55 3.64
C TYR A 309 2.35 16.13 4.81
N GLN A 310 2.17 17.45 4.82
CA GLN A 310 1.42 18.12 5.88
C GLN A 310 -0.07 18.01 5.69
N ARG A 311 -0.50 17.34 4.63
CA ARG A 311 -1.93 17.20 4.35
C ARG A 311 -2.61 18.55 4.27
N LYS A 312 -1.91 19.53 3.72
CA LYS A 312 -2.48 20.85 3.48
C LYS A 312 -3.04 21.06 2.08
N VAL A 313 -2.85 20.11 1.18
CA VAL A 313 -3.42 20.20 -0.16
C VAL A 313 -4.87 19.74 -0.14
N GLU A 314 -5.75 20.47 -0.85
CA GLU A 314 -7.15 20.10 -0.96
C GLU A 314 -7.28 18.84 -1.80
N ALA A 315 -7.90 17.81 -1.26
CA ALA A 315 -8.00 16.58 -1.99
C ALA A 315 -8.93 16.75 -3.20
N PRO A 316 -8.65 16.10 -4.31
CA PRO A 316 -9.58 16.15 -5.46
C PRO A 316 -10.94 15.58 -5.16
N PHE A 317 -11.04 14.69 -4.18
CA PHE A 317 -12.21 13.86 -3.96
C PHE A 317 -12.29 13.48 -2.49
N ILE A 318 -13.44 13.71 -1.86
CA ILE A 318 -13.70 13.35 -0.47
C ILE A 318 -14.80 12.30 -0.48
N PRO A 319 -14.58 11.10 0.05
CA PRO A 319 -15.63 10.09 -0.03
C PRO A 319 -16.86 10.48 0.76
N LYS A 320 -18.01 10.00 0.29
CA LYS A 320 -19.25 10.15 1.03
C LYS A 320 -19.09 9.59 2.44
N PHE A 321 -19.40 10.41 3.43
CA PHE A 321 -19.34 9.96 4.82
C PHE A 321 -20.55 10.56 5.55
N LYS A 322 -21.50 9.70 5.94
CA LYS A 322 -22.72 10.14 6.62
C LYS A 322 -22.55 10.24 8.14
N GLY A 323 -21.37 9.92 8.67
CA GLY A 323 -21.13 9.97 10.10
C GLY A 323 -20.08 8.96 10.51
N PRO A 324 -19.60 9.03 11.75
CA PRO A 324 -18.73 7.96 12.24
C PRO A 324 -19.45 6.62 12.11
N GLY A 325 -18.67 5.58 11.87
CA GLY A 325 -19.25 4.27 11.68
C GLY A 325 -19.91 4.03 10.32
N ASP A 326 -19.99 5.04 9.46
CA ASP A 326 -20.49 4.84 8.10
C ASP A 326 -19.64 3.78 7.39
N THR A 327 -20.30 2.77 6.81
CA THR A 327 -19.64 1.67 6.09
C THR A 327 -20.09 1.57 4.63
N SER A 328 -20.73 2.61 4.11
CA SER A 328 -21.28 2.53 2.75
C SER A 328 -20.20 2.33 1.70
N ASN A 329 -18.94 2.62 2.00
CA ASN A 329 -17.88 2.47 1.00
C ASN A 329 -17.25 1.09 1.01
N PHE A 330 -17.78 0.14 1.80
CA PHE A 330 -17.25 -1.21 1.86
C PHE A 330 -18.29 -2.21 1.36
N ASP A 331 -17.80 -3.31 0.81
CA ASP A 331 -18.66 -4.39 0.38
C ASP A 331 -19.36 -5.02 1.57
N ASP A 332 -20.44 -5.71 1.28
CA ASP A 332 -21.25 -6.36 2.30
C ASP A 332 -20.90 -7.83 2.35
N TYR A 333 -20.84 -8.39 3.56
CA TYR A 333 -20.42 -9.77 3.76
C TYR A 333 -21.35 -10.40 4.78
N GLU A 334 -21.46 -11.73 4.74
CA GLU A 334 -22.25 -12.44 5.74
C GLU A 334 -21.52 -12.41 7.06
N GLU A 335 -22.27 -12.17 8.14
CA GLU A 335 -21.66 -12.02 9.46
C GLU A 335 -21.53 -13.39 10.11
N GLU A 336 -20.30 -13.91 10.17
CA GLU A 336 -20.00 -15.16 10.84
C GLU A 336 -19.58 -14.90 12.28
N GLU A 337 -19.72 -15.91 13.14
CA GLU A 337 -19.44 -15.73 14.56
C GLU A 337 -17.94 -15.69 14.85
N ILE A 338 -17.59 -15.10 15.98
CA ILE A 338 -16.20 -15.11 16.46
C ILE A 338 -16.12 -16.10 17.61
N ARG A 339 -15.90 -17.38 17.30
CA ARG A 339 -15.80 -18.40 18.33
C ARG A 339 -14.39 -18.40 18.92
N VAL A 340 -14.32 -18.38 20.25
CA VAL A 340 -13.09 -18.48 21.01
C VAL A 340 -13.05 -19.80 21.79
N SEP A 341 -12.03 -20.63 21.54
CA SEP A 341 -11.94 -21.97 22.14
CB SEP A 341 -10.85 -22.80 21.47
OG SEP A 341 -11.39 -23.80 20.64
C SEP A 341 -11.61 -21.95 23.63
O SEP A 341 -10.97 -21.01 24.12
P SEP A 341 -11.76 -25.12 21.47
O1P SEP A 341 -10.55 -25.67 22.37
O2P SEP A 341 -13.02 -24.84 22.43
O3P SEP A 341 -12.11 -26.18 20.31
H SEP A 341 -11.38 -20.44 21.02
HA SEP A 341 -12.79 -22.44 22.03
HB2 SEP A 341 -10.31 -23.22 22.15
HB3 SEP A 341 -10.30 -22.21 20.93
N ILE A 342 -12.02 -23.02 24.32
CA ILE A 342 -11.70 -23.17 25.74
C ILE A 342 -10.21 -23.51 25.87
N ASN A 343 -9.59 -24.02 24.79
CA ASN A 343 -8.18 -24.43 24.81
C ASN A 343 -7.31 -23.54 23.93
N GLU A 344 -6.21 -23.06 24.49
CA GLU A 344 -5.25 -22.25 23.74
C GLU A 344 -4.76 -23.01 22.52
N LYS A 345 -4.93 -22.41 21.35
CA LYS A 345 -4.38 -22.95 20.12
C LYS A 345 -3.08 -22.23 19.77
N CYS A 346 -2.04 -23.00 19.43
CA CYS A 346 -0.86 -22.48 18.75
C CYS A 346 -0.14 -21.43 19.59
N GLY A 347 -0.07 -21.66 20.90
CA GLY A 347 0.53 -20.67 21.77
C GLY A 347 2.01 -20.46 21.51
N LYS A 348 2.74 -21.52 21.22
CA LYS A 348 4.17 -21.40 20.97
C LYS A 348 4.42 -20.61 19.69
N GLU A 349 3.66 -20.89 18.63
CA GLU A 349 3.93 -20.23 17.36
C GLU A 349 3.76 -18.71 17.46
N PHE A 350 2.89 -18.22 18.35
CA PHE A 350 2.53 -16.81 18.35
C PHE A 350 2.95 -16.12 19.65
N THR A 351 4.00 -16.66 20.28
CA THR A 351 4.49 -16.16 21.55
C THR A 351 4.82 -14.68 21.51
N GLU A 352 5.43 -14.22 20.41
CA GLU A 352 5.91 -12.84 20.38
C GLU A 352 4.82 -11.84 20.02
N PHE A 353 3.65 -12.31 19.65
CA PHE A 353 2.59 -11.43 19.19
C PHE A 353 1.98 -10.68 20.37
N THR B 1 -11.38 -1.91 -28.59
CA THR B 1 -10.56 -0.97 -27.85
C THR B 1 -9.73 -1.67 -26.78
N THR B 2 -8.73 -0.98 -26.25
CA THR B 2 -7.98 -1.55 -25.14
C THR B 2 -8.90 -1.77 -23.95
N TYR B 3 -9.82 -0.85 -23.73
CA TYR B 3 -10.80 -1.04 -22.66
C TYR B 3 -11.59 -2.33 -22.85
N ALA B 4 -12.04 -2.61 -24.07
CA ALA B 4 -12.77 -3.83 -24.31
C ALA B 4 -11.92 -5.04 -24.03
N ASP B 5 -10.65 -5.00 -24.47
CA ASP B 5 -9.70 -6.05 -24.14
C ASP B 5 -9.56 -6.25 -22.63
N PHE B 6 -9.53 -5.15 -21.88
CA PHE B 6 -9.45 -5.28 -20.43
C PHE B 6 -10.68 -6.00 -19.89
N ILE B 7 -11.88 -5.59 -20.34
CA ILE B 7 -13.08 -6.29 -19.88
C ILE B 7 -13.02 -7.78 -20.24
N ALA B 8 -12.58 -8.07 -21.45
CA ALA B 8 -12.47 -9.45 -21.93
C ALA B 8 -11.48 -10.29 -21.13
N SER B 9 -10.50 -9.66 -20.48
CA SER B 9 -9.54 -10.43 -19.69
C SER B 9 -10.18 -11.12 -18.48
N GLY B 10 -11.31 -10.62 -18.00
CA GLY B 10 -11.92 -11.19 -16.82
C GLY B 10 -11.26 -10.78 -15.52
N ARG B 11 -10.34 -9.84 -15.55
CA ARG B 11 -9.55 -9.47 -14.37
C ARG B 11 -9.84 -8.03 -13.98
N THR B 12 -11.13 -7.62 -14.06
CA THR B 12 -11.57 -6.29 -13.66
C THR B 12 -11.93 -6.21 -12.19
N GLY B 13 -12.07 -7.35 -11.50
CA GLY B 13 -12.40 -7.35 -10.10
C GLY B 13 -11.16 -7.33 -9.22
N ARG B 14 -11.41 -7.43 -7.92
CA ARG B 14 -10.33 -7.34 -6.94
C ARG B 14 -9.36 -8.50 -7.14
N ARG B 15 -8.07 -8.18 -7.12
CA ARG B 15 -7.04 -9.14 -7.44
C ARG B 15 -6.33 -9.52 -6.17
N SER B 16 -6.11 -10.81 -5.97
N SER B 16 -6.11 -10.81 -5.98
CA SER B 16 -5.39 -11.26 -4.78
CA SER B 16 -5.40 -11.30 -4.81
C SER B 16 -3.96 -11.59 -5.17
C SER B 16 -3.94 -11.56 -5.18
N ALA B 17 -3.10 -11.62 -4.15
CA ALA B 17 -1.69 -11.92 -4.37
C ALA B 17 -1.52 -13.37 -4.80
N ILE B 18 -0.41 -13.65 -5.48
CA ILE B 18 -0.07 -15.01 -5.88
C ILE B 18 0.36 -15.85 -4.69
O3 B4Z C . -10.29 -2.86 4.01
S B4Z C . -9.70 -3.81 4.89
O B4Z C . -10.54 -4.80 5.51
C B4Z C . -8.86 -2.94 6.18
C5 B4Z C . -9.39 -1.74 6.75
C6 B4Z C . -10.63 -1.15 6.41
C7 B4Z C . -10.98 0.04 6.96
N B4Z C . -10.24 0.71 7.85
C8 B4Z C . -9.08 0.18 8.21
C4 B4Z C . -8.59 -1.06 7.72
C3 B4Z C . -7.36 -1.62 8.11
C2 B4Z C . -6.90 -2.78 7.56
C1 B4Z C . -7.64 -3.44 6.58
N1 B4Z C . -8.54 -4.59 4.09
C9 B4Z C . -7.47 -3.84 3.40
C10 B4Z C . -7.73 -3.57 1.94
N2 B4Z C . -8.03 -4.79 1.19
C11 B4Z C . -6.89 -5.70 1.07
C12 B4Z C . -7.08 -6.82 0.07
C17 B4Z C . -6.54 -6.71 -1.21
C16 B4Z C . -6.73 -7.70 -2.14
C15 B4Z C . -7.48 -8.81 -1.83
C14 B4Z C . -8.03 -8.93 -0.57
C13 B4Z C . -7.84 -7.95 0.42
H3 B4Z C . -11.28 -1.65 5.69
H4 B4Z C . -11.94 0.51 6.70
H5 B4Z C . -8.49 0.74 8.93
H2 B4Z C . -6.78 -1.09 8.88
H1 B4Z C . -5.95 -3.20 7.87
H B4Z C . -7.26 -4.36 6.14
H6 B4Z C . -8.48 -5.59 4.02
H8 B4Z C . -7.34 -2.90 3.92
H7 B4Z C . -6.55 -4.40 3.51
H9 B4Z C . -6.84 -3.10 1.51
H10 B4Z C . -8.55 -2.86 1.83
H11 B4Z C . -8.41 -4.57 0.27
H12 B4Z C . -6.61 -6.14 2.03
H13 B4Z C . -6.03 -5.12 0.72
H19 B4Z C . -5.94 -5.84 -1.46
H18 B4Z C . -6.30 -7.59 -3.14
H17 B4Z C . -7.64 -9.58 -2.58
H16 B4Z C . -8.62 -9.82 -0.32
#